data_3IJD
#
_entry.id   3IJD
#
_cell.length_a   51.581
_cell.length_b   52.368
_cell.length_c   60.918
_cell.angle_alpha   94.680
_cell.angle_beta   97.680
_cell.angle_gamma   90.570
#
_symmetry.space_group_name_H-M   'P 1'
#
loop_
_entity.id
_entity.type
_entity.pdbx_description
1 polymer 'uncharacterized protein'
2 non-polymer '5-METHYL-5,6,7,8-TETRAHYDROFOLIC ACID'
3 water water
#
_entity_poly.entity_id   1
_entity_poly.type   'polypeptide(L)'
_entity_poly.pdbx_seq_one_letter_code
;MSLLKQKILNRESGIITYGITPPKKNNTEEKIKEISQKHIERISGLDIDGLVIYDLQDEKERVSEERPFPFIETIDPQIY
SENYLKDLKIPKIIYRCVGKYTPDEFRRLTRPVSGQDAFSVFVGAASRNQSVLLKLSDAYKIRQDVNPDLLLGGVAIPER
HMKNTDEHLRIIDKINKGCKYFITQAVYNVEAAKDFLSDYYYYSKNNNLKMVPIIFTLTPCGSTKTLEFMKWLGISIPRW
LENDLMNCEDILNKSVSLSKSIFNELMEFCLEKGIPIGCNIESVSVRKVEIEASIALAKDIKYIMKGEGHHHHHH
;
_entity_poly.pdbx_strand_id   A,B
#
loop_
_chem_comp.id
_chem_comp.type
_chem_comp.name
_chem_comp.formula
C2F non-polymer '5-METHYL-5,6,7,8-TETRAHYDROFOLIC ACID' 'C20 H25 N7 O6'
#
# COMPACT_ATOMS: atom_id res chain seq x y z
N LEU A 3 2.98 9.74 20.37
CA LEU A 3 3.87 8.54 20.21
C LEU A 3 3.08 7.38 19.60
N LEU A 4 2.00 6.99 20.31
CA LEU A 4 1.16 5.89 19.87
C LEU A 4 0.41 6.24 18.59
N LYS A 5 -0.23 7.41 18.60
CA LYS A 5 -0.92 7.94 17.42
C LYS A 5 -0.05 7.93 16.17
N GLN A 6 1.23 8.31 16.33
CA GLN A 6 2.15 8.41 15.20
C GLN A 6 2.58 7.04 14.73
N LYS A 7 2.96 6.18 15.67
CA LYS A 7 3.29 4.79 15.34
C LYS A 7 2.20 4.16 14.47
N ILE A 8 0.96 4.34 14.90
CA ILE A 8 -0.22 3.87 14.19
C ILE A 8 -0.42 4.53 12.84
N LEU A 9 -0.25 5.85 12.76
CA LEU A 9 -0.52 6.59 11.51
C LEU A 9 0.56 6.32 10.48
N ASN A 10 1.79 6.12 10.95
CA ASN A 10 2.91 5.75 10.09
C ASN A 10 3.16 4.23 9.97
N ARG A 11 2.25 3.40 10.47
CA ARG A 11 2.32 1.94 10.27
C ARG A 11 3.66 1.35 10.69
N GLU A 12 4.09 1.65 11.90
CA GLU A 12 5.39 1.22 12.38
C GLU A 12 5.32 -0.06 13.23
N SER A 13 6.41 -0.82 13.22
CA SER A 13 6.65 -1.86 14.20
C SER A 13 6.88 -1.18 15.52
N GLY A 14 6.89 -1.97 16.59
CA GLY A 14 7.37 -1.53 17.88
C GLY A 14 6.33 -0.96 18.83
N ILE A 15 5.06 -0.96 18.44
CA ILE A 15 4.03 -0.53 19.38
C ILE A 15 3.93 -1.54 20.54
N ILE A 16 3.80 -1.04 21.75
CA ILE A 16 3.76 -1.88 22.92
C ILE A 16 2.73 -1.33 23.89
N THR A 17 1.75 -2.15 24.25
CA THR A 17 0.74 -1.71 25.16
C THR A 17 0.58 -2.71 26.30
N TYR A 18 0.07 -2.21 27.42
CA TYR A 18 -0.38 -3.05 28.52
C TYR A 18 -1.86 -3.02 28.58
N GLY A 19 -2.47 -4.08 29.12
CA GLY A 19 -3.92 -4.27 29.05
C GLY A 19 -4.52 -4.74 30.34
N ILE A 20 -5.56 -4.05 30.80
CA ILE A 20 -6.26 -4.40 32.02
C ILE A 20 -7.79 -4.39 31.83
N THR A 21 -8.49 -5.10 32.68
CA THR A 21 -9.95 -5.08 32.68
C THR A 21 -10.27 -4.32 33.97
N PRO A 22 -11.22 -3.36 33.92
CA PRO A 22 -11.65 -2.64 35.12
C PRO A 22 -12.30 -3.56 36.14
N PRO A 23 -12.27 -3.19 37.43
CA PRO A 23 -12.92 -4.06 38.42
C PRO A 23 -14.43 -4.16 38.28
N LYS A 24 -15.02 -5.10 39.02
CA LYS A 24 -16.46 -5.18 39.18
C LYS A 24 -17.06 -3.86 39.69
N LYS A 25 -18.29 -3.58 39.25
CA LYS A 25 -19.12 -2.46 39.77
C LYS A 25 -19.54 -2.69 41.22
N ASN A 26 -19.91 -3.95 41.53
CA ASN A 26 -20.27 -4.40 42.88
C ASN A 26 -19.40 -3.85 44.01
N ASN A 27 -18.08 -3.84 43.84
CA ASN A 27 -17.15 -3.43 44.93
C ASN A 27 -17.44 -2.06 45.56
N THR A 28 -17.15 -1.93 46.85
CA THR A 28 -17.30 -0.63 47.54
C THR A 28 -16.48 0.42 46.80
N GLU A 29 -16.84 1.69 46.96
CA GLU A 29 -16.10 2.77 46.29
C GLU A 29 -14.64 2.82 46.73
N GLU A 30 -14.34 2.27 47.91
CA GLU A 30 -12.98 2.34 48.47
C GLU A 30 -12.07 1.27 47.88
N LYS A 31 -12.62 0.08 47.68
CA LYS A 31 -11.89 -1.04 47.05
C LYS A 31 -11.39 -0.61 45.66
N ILE A 32 -12.26 0.05 44.91
CA ILE A 32 -11.96 0.48 43.56
C ILE A 32 -10.74 1.40 43.53
N LYS A 33 -10.74 2.40 44.40
CA LYS A 33 -9.64 3.37 44.43
C LYS A 33 -8.33 2.66 44.80
N GLU A 34 -8.38 1.65 45.68
CA GLU A 34 -7.20 0.86 46.02
C GLU A 34 -6.73 0.04 44.80
N ILE A 35 -7.64 -0.78 44.25
CA ILE A 35 -7.32 -1.56 43.06
C ILE A 35 -6.69 -0.63 42.04
N SER A 36 -7.39 0.49 41.81
CA SER A 36 -7.00 1.51 40.86
C SER A 36 -5.63 2.12 41.16
N GLN A 37 -5.35 2.42 42.42
CA GLN A 37 -4.04 2.98 42.77
C GLN A 37 -2.92 1.95 42.57
N LYS A 38 -3.21 0.66 42.82
CA LYS A 38 -2.28 -0.44 42.50
C LYS A 38 -2.00 -0.57 41.00
N HIS A 39 -3.03 -0.54 40.16
CA HIS A 39 -2.80 -0.50 38.70
C HIS A 39 -1.89 0.68 38.36
N ILE A 40 -2.15 1.85 38.97
CA ILE A 40 -1.38 3.05 38.65
C ILE A 40 0.09 2.91 39.02
N GLU A 41 0.36 2.39 40.22
CA GLU A 41 1.74 2.28 40.71
C GLU A 41 2.57 1.35 39.81
N ARG A 42 2.04 0.16 39.53
CA ARG A 42 2.79 -0.81 38.70
C ARG A 42 2.92 -0.37 37.25
N ILE A 43 1.83 0.11 36.66
CA ILE A 43 1.85 0.47 35.24
C ILE A 43 2.71 1.70 35.00
N SER A 44 2.63 2.69 35.90
CA SER A 44 3.48 3.89 35.76
C SER A 44 4.97 3.52 35.76
N GLY A 45 5.28 2.33 36.27
CA GLY A 45 6.62 1.80 36.20
C GLY A 45 7.05 1.19 34.86
N LEU A 46 6.14 1.12 33.88
CA LEU A 46 6.50 0.55 32.57
C LEU A 46 6.89 1.63 31.59
N ASP A 47 7.46 1.22 30.46
CA ASP A 47 7.66 2.11 29.33
C ASP A 47 6.79 1.62 28.19
N ILE A 48 5.50 2.00 28.21
CA ILE A 48 4.55 1.58 27.18
C ILE A 48 3.98 2.77 26.39
N ASP A 49 3.47 2.49 25.19
CA ASP A 49 2.86 3.49 24.34
C ASP A 49 1.41 3.79 24.69
N GLY A 50 0.76 2.89 25.41
CA GLY A 50 -0.67 3.02 25.68
C GLY A 50 -1.16 1.92 26.58
N LEU A 51 -2.38 2.10 27.11
CA LEU A 51 -2.95 1.22 28.05
C LEU A 51 -4.31 0.77 27.49
N VAL A 52 -4.45 -0.52 27.18
CA VAL A 52 -5.73 -1.04 26.67
C VAL A 52 -6.62 -1.22 27.86
N ILE A 53 -7.90 -0.84 27.73
CA ILE A 53 -8.85 -1.07 28.80
C ILE A 53 -10.04 -1.82 28.19
N TYR A 54 -10.28 -3.03 28.68
CA TYR A 54 -11.22 -3.97 28.02
C TYR A 54 -12.64 -3.70 28.46
N ASP A 55 -13.57 -4.20 27.66
CA ASP A 55 -14.99 -4.08 27.87
C ASP A 55 -15.52 -5.50 27.73
N LEU A 56 -16.46 -5.88 28.59
CA LEU A 56 -17.01 -7.25 28.61
C LEU A 56 -18.50 -7.15 28.35
N GLN A 57 -19.09 -8.24 27.85
CA GLN A 57 -20.48 -8.19 27.38
C GLN A 57 -21.29 -9.40 27.79
N PHE A 71 -21.34 -13.63 37.95
CA PHE A 71 -21.68 -12.57 37.00
C PHE A 71 -20.63 -11.48 37.09
N ILE A 72 -20.21 -10.98 35.93
CA ILE A 72 -19.15 -9.97 35.85
C ILE A 72 -19.64 -8.79 35.03
N GLU A 73 -19.97 -7.70 35.72
CA GLU A 73 -20.21 -6.42 35.09
C GLU A 73 -19.13 -5.51 35.62
N THR A 74 -18.28 -4.98 34.75
CA THR A 74 -17.14 -4.18 35.17
C THR A 74 -17.44 -2.69 34.99
N ILE A 75 -16.63 -1.84 35.62
CA ILE A 75 -16.78 -0.41 35.42
C ILE A 75 -16.59 -0.14 33.93
N ASP A 76 -17.38 0.79 33.40
CA ASP A 76 -17.26 1.22 32.01
C ASP A 76 -15.81 1.59 31.72
N PRO A 77 -15.23 1.09 30.62
CA PRO A 77 -13.79 1.33 30.39
C PRO A 77 -13.41 2.79 30.32
N GLN A 78 -14.24 3.59 29.66
CA GLN A 78 -13.99 5.02 29.51
C GLN A 78 -14.16 5.74 30.85
N ILE A 79 -15.20 5.39 31.59
CA ILE A 79 -15.34 5.96 32.95
C ILE A 79 -14.16 5.57 33.85
N TYR A 80 -13.73 4.31 33.77
CA TYR A 80 -12.58 3.84 34.55
C TYR A 80 -11.35 4.65 34.20
N SER A 81 -11.15 4.85 32.90
CA SER A 81 -10.05 5.66 32.39
C SER A 81 -10.07 7.10 32.93
N GLU A 82 -11.22 7.76 32.82
CA GLU A 82 -11.29 9.20 33.11
C GLU A 82 -11.36 9.49 34.60
N ASN A 83 -12.21 8.75 35.31
CA ASN A 83 -12.50 9.03 36.67
C ASN A 83 -11.60 8.31 37.66
N TYR A 84 -10.83 7.32 37.19
CA TYR A 84 -9.92 6.57 38.07
C TYR A 84 -8.46 6.56 37.67
N LEU A 85 -8.14 6.67 36.38
CA LEU A 85 -6.75 6.50 35.93
C LEU A 85 -6.12 7.70 35.28
N LYS A 86 -6.62 8.91 35.54
CA LYS A 86 -6.00 10.13 34.98
C LYS A 86 -4.52 10.31 35.37
N ASP A 87 -4.09 9.80 36.53
CA ASP A 87 -2.69 9.96 36.96
C ASP A 87 -1.69 9.25 36.03
N LEU A 88 -2.18 8.27 35.26
CA LEU A 88 -1.38 7.61 34.22
C LEU A 88 -1.40 8.45 32.96
N LYS A 89 -0.25 9.02 32.63
CA LYS A 89 -0.15 9.93 31.52
C LYS A 89 0.27 9.18 30.28
N ILE A 90 -0.63 8.32 29.80
CA ILE A 90 -0.47 7.68 28.49
C ILE A 90 -1.86 7.55 27.85
N PRO A 91 -1.91 7.49 26.51
CA PRO A 91 -3.22 7.21 25.88
C PRO A 91 -3.83 5.89 26.34
N LYS A 92 -5.15 5.85 26.37
CA LYS A 92 -5.87 4.65 26.67
C LYS A 92 -6.67 4.21 25.44
N ILE A 93 -6.56 2.92 25.10
CA ILE A 93 -7.36 2.31 24.04
C ILE A 93 -8.61 1.69 24.63
N ILE A 94 -9.77 2.28 24.33
CA ILE A 94 -11.01 1.93 25.02
C ILE A 94 -11.76 0.91 24.20
N TYR A 95 -11.97 -0.27 24.75
CA TYR A 95 -12.68 -1.32 24.04
C TYR A 95 -14.18 -1.05 24.16
N ARG A 96 -14.94 -1.44 23.14
CA ARG A 96 -16.39 -1.29 23.16
C ARG A 96 -17.06 -2.53 22.60
N CYS A 97 -17.74 -3.27 23.45
CA CYS A 97 -18.59 -4.36 23.01
C CYS A 97 -19.88 -3.70 22.57
N VAL A 98 -19.92 -3.34 21.30
CA VAL A 98 -20.93 -2.41 20.78
C VAL A 98 -22.37 -2.89 21.00
N GLY A 99 -22.56 -4.21 20.98
CA GLY A 99 -23.87 -4.82 21.23
C GLY A 99 -24.53 -4.49 22.57
N LYS A 100 -23.73 -4.00 23.52
CA LYS A 100 -24.20 -3.57 24.83
C LYS A 100 -24.88 -2.21 24.75
N TYR A 101 -24.59 -1.44 23.70
CA TYR A 101 -24.98 -0.04 23.61
C TYR A 101 -26.11 0.15 22.60
N THR A 102 -27.15 0.89 23.01
CA THR A 102 -28.16 1.29 22.05
C THR A 102 -27.49 2.25 21.05
N PRO A 103 -28.07 2.36 19.84
CA PRO A 103 -27.41 3.16 18.80
C PRO A 103 -27.26 4.63 19.14
N ASP A 104 -28.10 5.15 20.04
CA ASP A 104 -28.00 6.55 20.46
C ASP A 104 -26.93 6.73 21.55
N GLU A 105 -26.80 5.77 22.46
CA GLU A 105 -25.65 5.76 23.40
C GLU A 105 -24.33 5.71 22.64
N PHE A 106 -24.29 4.90 21.59
CA PHE A 106 -23.08 4.72 20.79
C PHE A 106 -22.67 5.98 20.00
N ARG A 107 -23.63 6.66 19.38
CA ARG A 107 -23.38 7.99 18.79
C ARG A 107 -22.79 8.96 19.81
N ARG A 108 -23.38 8.99 20.98
CA ARG A 108 -22.93 9.91 22.02
C ARG A 108 -21.51 9.56 22.42
N LEU A 109 -21.25 8.30 22.77
CA LEU A 109 -19.90 7.90 23.20
C LEU A 109 -18.82 8.09 22.12
N THR A 110 -19.21 8.03 20.86
CA THR A 110 -18.26 8.19 19.76
C THR A 110 -17.98 9.65 19.35
N ARG A 111 -18.75 10.61 19.89
CA ARG A 111 -18.61 12.02 19.52
C ARG A 111 -17.20 12.48 19.75
N PRO A 112 -16.68 13.38 18.89
CA PRO A 112 -15.38 13.90 19.21
C PRO A 112 -15.49 14.93 20.33
N VAL A 113 -14.42 15.05 21.12
CA VAL A 113 -14.36 15.93 22.25
C VAL A 113 -13.22 16.89 21.95
N SER A 114 -13.48 18.20 22.10
CA SER A 114 -12.52 19.23 21.69
C SER A 114 -11.21 19.13 22.46
N GLY A 115 -10.10 19.09 21.76
CA GLY A 115 -8.78 19.14 22.40
C GLY A 115 -8.28 17.83 23.00
N GLN A 116 -8.79 16.69 22.50
CA GLN A 116 -8.24 15.38 22.88
C GLN A 116 -8.39 14.35 21.75
N ASP A 117 -7.39 13.46 21.64
CA ASP A 117 -7.47 12.33 20.71
C ASP A 117 -8.34 11.25 21.31
N ALA A 118 -8.62 10.23 20.52
CA ALA A 118 -9.42 9.12 20.96
C ALA A 118 -8.99 7.81 20.26
N PHE A 119 -8.78 6.77 21.06
CA PHE A 119 -8.36 5.46 20.58
C PHE A 119 -9.41 4.46 21.03
N SER A 120 -9.83 3.58 20.12
CA SER A 120 -10.84 2.62 20.47
C SER A 120 -10.79 1.35 19.61
N VAL A 121 -11.21 0.22 20.21
CA VAL A 121 -11.39 -1.04 19.52
C VAL A 121 -12.88 -1.46 19.68
N PHE A 122 -13.56 -1.59 18.55
CA PHE A 122 -14.96 -2.04 18.50
C PHE A 122 -14.96 -3.55 18.40
N VAL A 123 -15.67 -4.19 19.30
CA VAL A 123 -15.70 -5.62 19.40
C VAL A 123 -17.13 -6.07 19.11
N GLY A 124 -17.32 -6.99 18.16
CA GLY A 124 -18.63 -7.51 17.82
C GLY A 124 -19.07 -8.62 18.75
N ALA A 125 -20.16 -9.31 18.40
CA ALA A 125 -20.72 -10.34 19.31
C ALA A 125 -19.92 -11.64 19.21
N ALA A 126 -19.56 -12.21 20.37
CA ALA A 126 -18.83 -13.47 20.43
C ALA A 126 -19.63 -14.62 19.80
N SER A 127 -20.97 -14.57 19.94
CA SER A 127 -21.90 -15.59 19.42
C SER A 127 -22.51 -15.21 18.07
N VAL A 132 -28.28 -8.69 21.00
CA VAL A 132 -27.51 -7.46 20.82
C VAL A 132 -28.32 -6.21 20.39
N LEU A 133 -28.07 -5.09 21.07
CA LEU A 133 -28.75 -3.82 20.79
C LEU A 133 -28.14 -3.03 19.63
N LEU A 134 -27.04 -3.50 19.08
CA LEU A 134 -26.35 -2.77 18.01
C LEU A 134 -25.33 -3.69 17.38
N LYS A 135 -25.42 -3.82 16.06
CA LYS A 135 -24.55 -4.70 15.30
C LYS A 135 -23.28 -3.98 14.93
N LEU A 136 -22.25 -4.77 14.63
CA LEU A 136 -20.90 -4.24 14.43
C LEU A 136 -20.76 -3.43 13.15
N SER A 137 -21.32 -3.92 12.04
CA SER A 137 -21.36 -3.17 10.77
C SER A 137 -21.95 -1.76 10.96
N ASP A 138 -23.06 -1.71 11.72
CA ASP A 138 -23.74 -0.44 12.04
C ASP A 138 -22.84 0.46 12.90
N ALA A 139 -22.20 -0.11 13.91
CA ALA A 139 -21.25 0.67 14.76
C ALA A 139 -20.11 1.29 13.99
N TYR A 140 -19.62 0.57 12.97
CA TYR A 140 -18.57 1.08 12.10
C TYR A 140 -19.05 2.28 11.29
N LYS A 141 -20.27 2.22 10.78
CA LYS A 141 -20.80 3.37 10.04
C LYS A 141 -21.16 4.50 10.98
N ILE A 142 -21.76 4.20 12.14
CA ILE A 142 -21.99 5.26 13.15
C ILE A 142 -20.66 6.04 13.37
N ARG A 143 -19.55 5.35 13.57
CA ARG A 143 -18.22 6.02 13.69
C ARG A 143 -17.85 6.86 12.46
N GLN A 144 -18.02 6.31 11.27
CA GLN A 144 -17.69 7.06 10.05
C GLN A 144 -18.46 8.39 9.98
N ASP A 145 -19.73 8.35 10.39
CA ASP A 145 -20.60 9.53 10.51
C ASP A 145 -20.08 10.60 11.46
N VAL A 146 -19.78 10.18 12.69
CA VAL A 146 -19.62 11.08 13.83
C VAL A 146 -18.18 11.40 14.20
N ASN A 147 -17.24 10.47 13.99
CA ASN A 147 -15.84 10.75 14.33
C ASN A 147 -14.83 10.00 13.47
N PRO A 148 -14.65 10.46 12.23
CA PRO A 148 -13.60 10.01 11.34
C PRO A 148 -12.19 10.01 11.93
N ASP A 149 -11.97 10.76 13.01
CA ASP A 149 -10.62 10.90 13.59
C ASP A 149 -10.35 9.94 14.76
N LEU A 150 -11.39 9.23 15.20
CA LEU A 150 -11.22 8.22 16.23
C LEU A 150 -10.24 7.16 15.68
N LEU A 151 -9.15 6.91 16.40
CA LEU A 151 -8.18 5.90 15.96
C LEU A 151 -8.73 4.52 16.31
N LEU A 152 -9.31 3.89 15.30
CA LEU A 152 -10.08 2.67 15.44
C LEU A 152 -9.17 1.48 15.22
N GLY A 153 -9.30 0.48 16.08
CA GLY A 153 -8.66 -0.83 15.91
C GLY A 153 -9.71 -1.91 15.84
N GLY A 154 -9.32 -3.08 15.30
CA GLY A 154 -10.15 -4.29 15.31
C GLY A 154 -9.52 -5.48 16.06
N VAL A 155 -10.36 -6.43 16.46
CA VAL A 155 -9.90 -7.66 17.11
C VAL A 155 -9.60 -8.64 15.97
N ALA A 156 -8.47 -9.33 16.04
CA ALA A 156 -8.10 -10.38 15.10
C ALA A 156 -7.94 -11.67 15.90
N ILE A 157 -8.32 -12.80 15.32
CA ILE A 157 -8.31 -14.08 16.05
C ILE A 157 -7.66 -15.12 15.15
N PRO A 158 -6.33 -15.25 15.28
CA PRO A 158 -5.53 -16.16 14.46
C PRO A 158 -6.05 -17.59 14.49
N GLU A 159 -6.47 -18.06 15.67
CA GLU A 159 -7.02 -19.42 15.79
C GLU A 159 -8.18 -19.67 14.82
N ARG A 160 -8.98 -18.64 14.58
CA ARG A 160 -10.14 -18.71 13.69
C ARG A 160 -9.75 -18.89 12.21
N HIS A 161 -8.53 -18.46 11.87
CA HIS A 161 -7.95 -18.61 10.54
C HIS A 161 -7.71 -20.08 10.17
N MET A 162 -7.62 -20.97 11.16
CA MET A 162 -7.38 -22.41 10.92
C MET A 162 -8.60 -23.07 10.26
N LYS A 163 -9.78 -22.48 10.49
CA LYS A 163 -11.06 -23.07 10.10
C LYS A 163 -11.46 -22.83 8.64
N ASN A 164 -11.14 -21.66 8.09
CA ASN A 164 -11.41 -21.35 6.66
C ASN A 164 -10.35 -20.53 5.92
N THR A 165 -9.23 -20.25 6.58
CA THR A 165 -8.11 -19.53 5.97
C THR A 165 -8.52 -18.14 5.42
N ASP A 166 -9.35 -17.42 6.19
CA ASP A 166 -9.91 -16.14 5.74
C ASP A 166 -9.95 -15.04 6.83
N GLU A 167 -9.17 -15.22 7.91
CA GLU A 167 -9.08 -14.21 8.94
C GLU A 167 -8.32 -12.99 8.43
N HIS A 168 -7.36 -13.20 7.54
CA HIS A 168 -6.75 -12.09 6.80
C HIS A 168 -7.83 -11.31 6.06
N LEU A 169 -8.79 -12.01 5.45
CA LEU A 169 -9.83 -11.33 4.69
C LEU A 169 -10.75 -10.58 5.64
N ARG A 170 -10.94 -11.11 6.84
CA ARG A 170 -11.81 -10.49 7.81
C ARG A 170 -11.19 -9.18 8.29
N ILE A 171 -9.87 -9.15 8.46
CA ILE A 171 -9.24 -7.92 8.88
C ILE A 171 -9.09 -6.91 7.75
N ILE A 172 -9.02 -7.37 6.49
CA ILE A 172 -8.99 -6.45 5.34
C ILE A 172 -10.34 -5.75 5.24
N ASP A 173 -11.43 -6.50 5.37
CA ASP A 173 -12.76 -5.91 5.47
C ASP A 173 -12.90 -4.92 6.65
N LYS A 174 -12.21 -5.16 7.77
CA LYS A 174 -12.18 -4.21 8.88
C LYS A 174 -11.33 -2.97 8.53
N ILE A 175 -10.19 -3.16 7.87
CA ILE A 175 -9.45 -2.00 7.39
C ILE A 175 -10.36 -1.15 6.49
N ASN A 176 -11.02 -1.78 5.50
CA ASN A 176 -11.93 -1.06 4.63
C ASN A 176 -12.99 -0.30 5.39
N LYS A 177 -13.35 -0.80 6.56
CA LYS A 177 -14.39 -0.19 7.37
C LYS A 177 -13.88 0.84 8.39
N GLY A 178 -12.60 1.20 8.31
CA GLY A 178 -12.03 2.22 9.19
C GLY A 178 -10.85 1.83 10.09
N CYS A 179 -10.61 0.54 10.29
CA CYS A 179 -9.56 0.11 11.25
C CYS A 179 -8.15 0.39 10.77
N LYS A 180 -7.31 0.87 11.68
CA LYS A 180 -5.92 1.22 11.35
C LYS A 180 -4.91 0.40 12.15
N TYR A 181 -5.40 -0.50 12.99
CA TYR A 181 -4.53 -1.48 13.67
C TYR A 181 -5.37 -2.63 14.20
N PHE A 182 -4.71 -3.71 14.57
CA PHE A 182 -5.43 -4.86 15.14
C PHE A 182 -4.74 -5.34 16.38
N ILE A 183 -5.53 -5.68 17.38
CA ILE A 183 -5.04 -6.24 18.60
C ILE A 183 -5.59 -7.65 18.66
N THR A 184 -4.70 -8.64 18.71
CA THR A 184 -5.18 -10.03 18.78
C THR A 184 -5.65 -10.37 20.19
N GLN A 185 -6.57 -11.35 20.33
CA GLN A 185 -6.69 -12.03 21.61
C GLN A 185 -5.39 -12.75 21.91
N ALA A 186 -5.25 -13.18 23.16
CA ALA A 186 -4.09 -13.91 23.65
C ALA A 186 -3.64 -14.99 22.68
N VAL A 187 -2.38 -14.96 22.29
CA VAL A 187 -1.85 -15.91 21.33
C VAL A 187 -1.15 -17.04 22.10
N TYR A 188 -1.63 -18.27 21.90
CA TYR A 188 -0.98 -19.47 22.47
C TYR A 188 -0.57 -20.52 21.46
N ASN A 189 -0.61 -20.18 20.18
CA ASN A 189 -0.23 -21.06 19.08
C ASN A 189 0.51 -20.27 18.00
N VAL A 190 1.77 -20.60 17.81
CA VAL A 190 2.64 -19.81 16.96
C VAL A 190 2.28 -20.08 15.50
N GLU A 191 1.88 -21.32 15.20
CA GLU A 191 1.63 -21.70 13.83
C GLU A 191 0.40 -20.95 13.28
N ALA A 192 -0.68 -20.88 14.06
CA ALA A 192 -1.87 -20.15 13.65
C ALA A 192 -1.53 -18.68 13.42
N ALA A 193 -0.68 -18.13 14.28
CA ALA A 193 -0.34 -16.74 14.23
C ALA A 193 0.50 -16.51 12.98
N LYS A 194 1.55 -17.31 12.77
CA LYS A 194 2.32 -17.21 11.50
C LYS A 194 1.47 -17.50 10.24
N ASP A 195 0.54 -18.46 10.29
CA ASP A 195 -0.32 -18.68 9.16
C ASP A 195 -1.15 -17.42 8.77
N PHE A 196 -1.72 -16.76 9.77
CA PHE A 196 -2.46 -15.51 9.60
C PHE A 196 -1.56 -14.45 9.03
N LEU A 197 -0.41 -14.25 9.67
CA LEU A 197 0.53 -13.25 9.19
C LEU A 197 0.92 -13.47 7.73
N SER A 198 1.23 -14.71 7.38
CA SER A 198 1.50 -15.15 6.01
C SER A 198 0.41 -14.80 5.01
N ASP A 199 -0.82 -15.21 5.28
CA ASP A 199 -1.90 -14.95 4.33
C ASP A 199 -2.19 -13.45 4.28
N TYR A 200 -1.95 -12.75 5.40
CA TYR A 200 -2.11 -11.30 5.44
C TYR A 200 -1.05 -10.59 4.58
N TYR A 201 0.22 -10.93 4.81
CA TYR A 201 1.32 -10.43 4.01
C TYR A 201 1.13 -10.71 2.49
N TYR A 202 1.03 -11.98 2.11
CA TYR A 202 0.89 -12.33 0.70
C TYR A 202 -0.31 -11.70 -0.01
N TYR A 203 -1.47 -11.62 0.65
CA TYR A 203 -2.64 -11.03 0.02
C TYR A 203 -2.47 -9.53 -0.18
N SER A 204 -1.88 -8.88 0.81
CA SER A 204 -1.67 -7.44 0.77
C SER A 204 -0.71 -7.17 -0.38
N LYS A 205 0.38 -7.94 -0.46
CA LYS A 205 1.36 -7.77 -1.51
C LYS A 205 0.74 -7.96 -2.88
N ASN A 206 -0.11 -8.98 -3.03
CA ASN A 206 -0.70 -9.30 -4.32
C ASN A 206 -1.76 -8.30 -4.73
N ASN A 207 -2.36 -7.63 -3.75
CA ASN A 207 -3.35 -6.60 -4.04
C ASN A 207 -2.79 -5.20 -3.87
N ASN A 208 -1.47 -5.08 -3.82
CA ASN A 208 -0.83 -3.76 -3.77
C ASN A 208 -1.25 -2.92 -2.56
N LEU A 209 -1.40 -3.57 -1.40
CA LEU A 209 -1.85 -2.89 -0.19
C LEU A 209 -0.70 -2.58 0.76
N LYS A 210 -0.81 -1.48 1.49
CA LYS A 210 0.03 -1.24 2.65
C LYS A 210 -0.52 -2.09 3.81
N MET A 211 0.30 -2.30 4.82
CA MET A 211 -0.09 -3.13 5.97
C MET A 211 -0.31 -2.27 7.19
N VAL A 212 -1.24 -2.64 8.06
CA VAL A 212 -1.34 -1.99 9.37
C VAL A 212 -0.70 -2.82 10.50
N PRO A 213 -0.41 -2.18 11.64
CA PRO A 213 0.24 -2.87 12.72
C PRO A 213 -0.64 -4.00 13.25
N ILE A 214 -0.04 -5.17 13.39
CA ILE A 214 -0.64 -6.33 14.02
C ILE A 214 -0.03 -6.38 15.40
N ILE A 215 -0.85 -6.08 16.40
CA ILE A 215 -0.45 -6.07 17.79
C ILE A 215 -0.84 -7.39 18.46
N PHE A 216 0.16 -8.19 18.80
CA PHE A 216 -0.07 -9.48 19.48
C PHE A 216 -0.17 -9.37 20.99
N THR A 217 -1.28 -9.87 21.53
CA THR A 217 -1.54 -9.92 22.94
C THR A 217 -0.92 -11.17 23.56
N LEU A 218 -0.20 -10.98 24.65
CA LEU A 218 0.30 -12.06 25.49
C LEU A 218 -0.35 -11.90 26.85
N THR A 219 -0.81 -13.02 27.39
CA THR A 219 -1.58 -13.04 28.64
C THR A 219 -1.12 -14.21 29.47
N PRO A 220 -0.36 -13.93 30.56
CA PRO A 220 0.04 -15.04 31.42
C PRO A 220 -1.17 -15.74 32.05
N CYS A 221 -0.99 -17.02 32.38
CA CYS A 221 -2.02 -17.85 33.02
C CYS A 221 -1.43 -18.71 34.12
N GLY A 222 -1.79 -18.42 35.37
CA GLY A 222 -1.15 -19.03 36.56
C GLY A 222 -2.06 -19.74 37.55
N SER A 223 -3.31 -19.94 37.21
CA SER A 223 -4.25 -20.61 38.11
C SER A 223 -5.45 -21.05 37.32
N THR A 224 -6.26 -21.94 37.91
CA THR A 224 -7.46 -22.44 37.21
C THR A 224 -8.54 -21.36 37.12
N LYS A 225 -8.52 -20.48 38.12
CA LYS A 225 -9.32 -19.26 38.16
C LYS A 225 -9.03 -18.37 36.93
N THR A 226 -7.79 -17.89 36.80
CA THR A 226 -7.40 -17.20 35.55
C THR A 226 -7.91 -17.95 34.28
N LEU A 227 -7.74 -19.28 34.24
CA LEU A 227 -7.95 -20.04 33.02
C LEU A 227 -9.41 -20.03 32.62
N GLU A 228 -10.30 -20.24 33.59
CA GLU A 228 -11.74 -20.25 33.31
C GLU A 228 -12.23 -18.85 32.88
N PHE A 229 -11.60 -17.78 33.37
CA PHE A 229 -11.91 -16.43 32.88
C PHE A 229 -11.47 -16.32 31.41
N MET A 230 -10.24 -16.77 31.15
CA MET A 230 -9.73 -16.83 29.78
C MET A 230 -10.66 -17.65 28.84
N LYS A 231 -11.10 -18.83 29.26
CA LYS A 231 -12.03 -19.64 28.43
C LYS A 231 -13.33 -18.89 28.16
N TRP A 232 -13.84 -18.23 29.19
CA TRP A 232 -15.00 -17.37 29.03
C TRP A 232 -14.77 -16.22 28.02
N LEU A 233 -13.55 -15.67 27.96
CA LEU A 233 -13.21 -14.67 26.94
C LEU A 233 -13.05 -15.27 25.52
N GLY A 234 -12.96 -16.59 25.42
CA GLY A 234 -12.73 -17.30 24.16
C GLY A 234 -11.26 -17.65 23.92
N ILE A 235 -10.45 -17.57 24.96
CA ILE A 235 -9.06 -17.92 24.84
C ILE A 235 -8.86 -19.32 25.37
N SER A 236 -8.18 -20.15 24.59
CA SER A 236 -7.73 -21.48 25.02
C SER A 236 -6.20 -21.49 25.22
N ILE A 237 -5.71 -22.27 26.18
CA ILE A 237 -4.28 -22.56 26.24
C ILE A 237 -4.09 -23.98 25.68
N PRO A 238 -2.85 -24.35 25.35
CA PRO A 238 -2.57 -25.70 24.87
C PRO A 238 -3.03 -26.77 25.87
N ARG A 239 -3.48 -27.91 25.37
CA ARG A 239 -3.94 -28.99 26.23
C ARG A 239 -2.79 -29.50 27.14
N TRP A 240 -1.59 -29.60 26.59
CA TRP A 240 -0.47 -30.01 27.43
C TRP A 240 -0.30 -29.14 28.65
N LEU A 241 -0.49 -27.83 28.47
CA LEU A 241 -0.26 -26.87 29.55
C LEU A 241 -1.39 -26.97 30.58
N GLU A 242 -2.63 -27.02 30.09
CA GLU A 242 -3.78 -27.20 30.94
C GLU A 242 -3.61 -28.49 31.74
N ASN A 243 -3.28 -29.61 31.07
CA ASN A 243 -3.00 -30.88 31.78
C ASN A 243 -2.09 -30.66 32.99
N ASP A 244 -0.97 -29.99 32.79
CA ASP A 244 -0.06 -29.75 33.89
C ASP A 244 -0.76 -28.99 35.04
N LEU A 245 -1.69 -28.08 34.70
CA LEU A 245 -2.38 -27.27 35.72
C LEU A 245 -3.35 -28.12 36.49
N MET A 246 -4.15 -28.92 35.78
CA MET A 246 -5.13 -29.81 36.41
C MET A 246 -4.48 -30.92 37.27
N ASN A 247 -3.22 -31.22 36.99
CA ASN A 247 -2.42 -32.13 37.80
C ASN A 247 -1.55 -31.35 38.82
N CYS A 248 -2.03 -30.17 39.20
CA CYS A 248 -1.49 -29.34 40.28
C CYS A 248 -0.04 -28.85 40.14
N GLU A 249 0.43 -28.59 38.93
CA GLU A 249 1.71 -27.87 38.78
C GLU A 249 1.52 -26.35 38.58
N ASP A 250 2.54 -25.55 38.95
CA ASP A 250 2.55 -24.11 38.66
C ASP A 250 2.85 -23.92 37.19
N ILE A 251 1.91 -23.33 36.44
CA ILE A 251 2.11 -23.11 35.02
C ILE A 251 2.44 -21.66 34.69
N LEU A 252 2.44 -20.78 35.69
CA LEU A 252 2.61 -19.37 35.46
C LEU A 252 3.93 -19.10 34.74
N ASN A 253 5.06 -19.65 35.19
CA ASN A 253 6.30 -19.37 34.48
C ASN A 253 6.36 -19.99 33.08
N LYS A 254 5.72 -21.15 32.91
CA LYS A 254 5.67 -21.79 31.59
C LYS A 254 4.79 -20.96 30.64
N SER A 255 3.76 -20.28 31.19
CA SER A 255 2.93 -19.32 30.44
C SER A 255 3.76 -18.26 29.79
N VAL A 256 4.57 -17.62 30.64
CA VAL A 256 5.38 -16.50 30.28
C VAL A 256 6.44 -16.92 29.30
N SER A 257 7.16 -17.99 29.63
CA SER A 257 8.17 -18.55 28.74
C SER A 257 7.60 -18.91 27.35
N LEU A 258 6.49 -19.62 27.32
CA LEU A 258 5.84 -19.95 26.05
C LEU A 258 5.33 -18.69 25.29
N SER A 259 4.77 -17.74 26.03
CA SER A 259 4.34 -16.48 25.43
C SER A 259 5.51 -15.74 24.81
N LYS A 260 6.64 -15.70 25.51
CA LYS A 260 7.83 -14.97 25.02
C LYS A 260 8.38 -15.67 23.80
N SER A 261 8.50 -16.99 23.89
CA SER A 261 8.91 -17.84 22.77
C SER A 261 8.09 -17.52 21.51
N ILE A 262 6.77 -17.52 21.65
CA ILE A 262 5.87 -17.23 20.55
C ILE A 262 6.18 -15.83 19.97
N PHE A 263 6.20 -14.81 20.83
CA PHE A 263 6.38 -13.45 20.32
C PHE A 263 7.72 -13.29 19.61
N ASN A 264 8.76 -13.90 20.15
CA ASN A 264 10.06 -13.86 19.50
C ASN A 264 10.01 -14.43 18.09
N GLU A 265 9.38 -15.60 17.93
CA GLU A 265 9.22 -16.18 16.61
C GLU A 265 8.39 -15.26 15.69
N LEU A 266 7.37 -14.60 16.24
CA LEU A 266 6.54 -13.74 15.38
C LEU A 266 7.33 -12.50 15.00
N MET A 267 8.10 -11.96 15.93
CA MET A 267 8.92 -10.78 15.66
C MET A 267 9.95 -11.10 14.55
N GLU A 268 10.54 -12.29 14.58
CA GLU A 268 11.46 -12.73 13.51
C GLU A 268 10.74 -12.86 12.17
N PHE A 269 9.60 -13.55 12.17
CA PHE A 269 8.86 -13.74 10.95
C PHE A 269 8.49 -12.37 10.38
N CYS A 270 8.21 -11.41 11.26
CA CYS A 270 7.71 -10.12 10.84
C CYS A 270 8.82 -9.21 10.31
N LEU A 271 10.01 -9.27 10.93
CA LEU A 271 11.18 -8.57 10.40
C LEU A 271 11.49 -8.99 8.97
N GLU A 272 11.63 -10.30 8.75
CA GLU A 272 11.92 -10.83 7.41
C GLU A 272 11.02 -10.23 6.33
N LYS A 273 9.72 -10.08 6.62
CA LYS A 273 8.77 -9.66 5.59
C LYS A 273 8.33 -8.19 5.70
N GLY A 274 8.87 -7.44 6.66
CA GLY A 274 8.42 -6.05 6.87
C GLY A 274 6.94 -5.94 7.27
N ILE A 275 6.48 -6.85 8.13
CA ILE A 275 5.13 -6.73 8.72
C ILE A 275 5.28 -5.93 10.00
N PRO A 276 4.58 -4.78 10.13
CA PRO A 276 4.69 -4.04 11.38
C PRO A 276 3.96 -4.80 12.50
N ILE A 277 4.66 -5.03 13.60
CA ILE A 277 4.25 -5.93 14.66
C ILE A 277 4.37 -5.18 15.94
N GLY A 278 3.37 -5.32 16.79
CA GLY A 278 3.40 -4.79 18.14
C GLY A 278 3.05 -5.85 19.18
N CYS A 279 3.07 -5.48 20.44
CA CYS A 279 2.68 -6.42 21.47
C CYS A 279 1.85 -5.74 22.52
N ASN A 280 0.80 -6.43 23.00
CA ASN A 280 -0.05 -5.98 24.09
C ASN A 280 0.07 -7.03 25.22
N ILE A 281 0.50 -6.63 26.41
CA ILE A 281 0.69 -7.58 27.51
C ILE A 281 -0.51 -7.41 28.38
N GLU A 282 -1.41 -8.41 28.32
CA GLU A 282 -2.67 -8.41 29.04
C GLU A 282 -2.60 -9.04 30.43
N SER A 283 -3.09 -8.30 31.41
CA SER A 283 -3.21 -8.82 32.77
C SER A 283 -4.67 -9.10 33.04
N VAL A 284 -4.99 -10.34 33.28
CA VAL A 284 -6.38 -10.76 33.37
C VAL A 284 -6.72 -11.38 34.72
N SER A 285 -5.73 -11.48 35.64
CA SER A 285 -5.94 -12.20 36.90
C SER A 285 -6.17 -11.25 38.05
N VAL A 286 -6.83 -11.73 39.09
CA VAL A 286 -6.90 -10.98 40.36
C VAL A 286 -5.75 -11.30 41.37
N ARG A 287 -4.77 -12.11 40.95
CA ARG A 287 -3.73 -12.61 41.85
C ARG A 287 -2.42 -11.81 41.72
N LYS A 288 -1.90 -11.39 42.86
CA LYS A 288 -0.68 -10.56 42.89
C LYS A 288 0.38 -11.18 42.02
N VAL A 289 0.68 -12.45 42.27
CA VAL A 289 1.78 -13.12 41.60
C VAL A 289 1.61 -13.10 40.07
N GLU A 290 0.39 -13.34 39.59
CA GLU A 290 0.14 -13.34 38.16
C GLU A 290 0.22 -11.93 37.60
N ILE A 291 -0.30 -10.94 38.35
CA ILE A 291 -0.23 -9.55 37.92
C ILE A 291 1.22 -9.10 37.89
N GLU A 292 2.00 -9.57 38.85
CA GLU A 292 3.40 -9.21 38.90
C GLU A 292 4.13 -9.89 37.74
N ALA A 293 3.66 -11.09 37.35
CA ALA A 293 4.23 -11.72 36.16
C ALA A 293 3.94 -10.90 34.87
N SER A 294 2.71 -10.44 34.68
CA SER A 294 2.35 -9.53 33.57
C SER A 294 3.27 -8.29 33.45
N ILE A 295 3.38 -7.56 34.56
CA ILE A 295 4.24 -6.37 34.63
C ILE A 295 5.64 -6.73 34.18
N ALA A 296 6.18 -7.83 34.71
CA ALA A 296 7.54 -8.27 34.37
C ALA A 296 7.64 -8.71 32.92
N LEU A 297 6.61 -9.40 32.43
CA LEU A 297 6.57 -9.72 31.01
C LEU A 297 6.60 -8.44 30.16
N ALA A 298 5.84 -7.42 30.57
CA ALA A 298 5.76 -6.17 29.79
C ALA A 298 7.14 -5.49 29.72
N LYS A 299 7.89 -5.56 30.82
CA LYS A 299 9.29 -5.08 30.81
C LYS A 299 10.20 -5.91 29.90
N ASP A 300 10.13 -7.24 30.01
CA ASP A 300 10.93 -8.12 29.16
C ASP A 300 10.66 -7.87 27.66
N ILE A 301 9.39 -7.74 27.29
CA ILE A 301 9.03 -7.45 25.91
C ILE A 301 9.62 -6.12 25.39
N LYS A 302 9.60 -5.07 26.20
CA LYS A 302 10.25 -3.83 25.77
C LYS A 302 11.72 -4.07 25.44
N TYR A 303 12.41 -4.81 26.32
CA TYR A 303 13.82 -5.09 26.14
C TYR A 303 14.07 -5.78 24.81
N ILE A 304 13.19 -6.71 24.45
CA ILE A 304 13.37 -7.52 23.26
C ILE A 304 13.21 -6.68 21.99
N MET A 305 12.20 -5.80 21.95
CA MET A 305 11.94 -5.00 20.77
C MET A 305 12.35 -3.56 20.95
N SER B 2 18.69 -0.07 -17.22
CA SER B 2 19.80 -0.90 -16.61
C SER B 2 19.52 -1.07 -15.13
N LEU B 3 19.37 0.06 -14.43
CA LEU B 3 18.65 0.08 -13.16
C LEU B 3 17.12 0.01 -13.33
N LEU B 4 16.62 -0.05 -14.56
CA LEU B 4 15.18 0.12 -14.80
C LEU B 4 14.32 -0.84 -14.00
N LYS B 5 14.66 -2.12 -13.99
CA LYS B 5 13.83 -3.11 -13.29
C LYS B 5 13.79 -2.82 -11.78
N GLN B 6 14.95 -2.44 -11.24
CA GLN B 6 15.03 -2.18 -9.82
C GLN B 6 14.26 -0.93 -9.46
N LYS B 7 14.33 0.10 -10.29
CA LYS B 7 13.56 1.31 -10.03
C LYS B 7 12.05 0.98 -10.09
N ILE B 8 11.62 0.25 -11.12
CA ILE B 8 10.23 -0.21 -11.19
C ILE B 8 9.88 -0.97 -9.94
N LEU B 9 10.51 -2.12 -9.70
CA LEU B 9 10.18 -2.94 -8.51
C LEU B 9 10.33 -2.21 -7.19
N ASN B 10 11.31 -1.33 -7.06
CA ASN B 10 11.44 -0.52 -5.84
C ASN B 10 10.55 0.76 -5.80
N ARG B 11 9.68 0.93 -6.81
CA ARG B 11 8.72 2.07 -6.92
C ARG B 11 9.42 3.39 -6.74
N GLU B 12 10.55 3.52 -7.42
CA GLU B 12 11.43 4.65 -7.27
C GLU B 12 11.08 5.79 -8.23
N SER B 13 11.42 6.99 -7.80
CA SER B 13 11.38 8.15 -8.63
C SER B 13 12.67 8.15 -9.42
N GLY B 14 12.65 8.78 -10.58
CA GLY B 14 13.86 8.98 -11.34
C GLY B 14 14.07 8.05 -12.52
N ILE B 15 13.06 7.28 -12.92
CA ILE B 15 13.12 6.54 -14.17
C ILE B 15 13.14 7.54 -15.30
N ILE B 16 14.08 7.39 -16.22
CA ILE B 16 14.09 8.18 -17.41
C ILE B 16 14.28 7.25 -18.60
N THR B 17 13.48 7.45 -19.62
CA THR B 17 13.57 6.66 -20.81
C THR B 17 13.50 7.58 -22.01
N TYR B 18 13.98 7.09 -23.14
CA TYR B 18 13.86 7.81 -24.39
C TYR B 18 12.96 6.96 -25.24
N GLY B 19 12.28 7.59 -26.17
CA GLY B 19 11.18 6.95 -26.89
C GLY B 19 11.29 7.16 -28.38
N ILE B 20 11.24 6.06 -29.13
CA ILE B 20 11.20 6.07 -30.59
C ILE B 20 10.14 5.14 -31.14
N THR B 21 9.69 5.48 -32.34
CA THR B 21 8.83 4.65 -33.16
C THR B 21 9.76 4.07 -34.25
N PRO B 22 9.70 2.75 -34.48
CA PRO B 22 10.55 2.15 -35.54
C PRO B 22 10.22 2.72 -36.91
N PRO B 23 11.19 2.71 -37.83
CA PRO B 23 10.93 3.30 -39.15
C PRO B 23 9.89 2.50 -39.94
N LYS B 24 9.41 3.12 -41.03
CA LYS B 24 8.45 2.47 -41.91
C LYS B 24 8.92 1.10 -42.44
N LYS B 25 7.96 0.19 -42.57
CA LYS B 25 8.24 -1.17 -43.02
C LYS B 25 8.76 -1.21 -44.47
N ASN B 26 8.32 -0.24 -45.29
CA ASN B 26 8.66 -0.23 -46.72
C ASN B 26 10.12 0.11 -47.07
N ASN B 27 10.79 0.96 -46.29
CA ASN B 27 12.22 1.26 -46.51
C ASN B 27 13.08 -0.03 -46.56
N THR B 28 14.22 0.03 -47.26
CA THR B 28 15.03 -1.16 -47.57
C THR B 28 15.98 -1.53 -46.42
N GLU B 29 16.40 -2.81 -46.38
CA GLU B 29 17.24 -3.34 -45.29
C GLU B 29 18.52 -2.53 -45.01
N GLU B 30 19.09 -1.91 -46.03
CA GLU B 30 20.23 -1.01 -45.86
C GLU B 30 19.80 0.35 -45.29
N LYS B 31 18.58 0.77 -45.63
CA LYS B 31 18.04 2.06 -45.18
C LYS B 31 17.57 2.00 -43.72
N ILE B 32 16.96 0.88 -43.34
CA ILE B 32 16.62 0.59 -41.96
C ILE B 32 17.88 0.51 -41.12
N LYS B 33 18.95 -0.04 -41.70
CA LYS B 33 20.24 -0.13 -41.01
C LYS B 33 20.89 1.22 -40.83
N GLU B 34 20.67 2.13 -41.77
CA GLU B 34 21.17 3.49 -41.65
C GLU B 34 20.37 4.28 -40.60
N ILE B 35 19.03 4.20 -40.70
CA ILE B 35 18.15 4.78 -39.70
C ILE B 35 18.53 4.25 -38.33
N SER B 36 18.67 2.93 -38.24
CA SER B 36 19.05 2.30 -36.98
C SER B 36 20.43 2.73 -36.48
N GLN B 37 21.37 2.97 -37.39
CA GLN B 37 22.74 3.43 -36.99
C GLN B 37 22.68 4.83 -36.40
N LYS B 38 21.93 5.74 -37.03
CA LYS B 38 21.70 7.06 -36.47
C LYS B 38 21.12 6.96 -35.06
N HIS B 39 20.04 6.19 -34.87
CA HIS B 39 19.45 6.00 -33.54
C HIS B 39 20.49 5.56 -32.52
N ILE B 40 21.20 4.47 -32.82
CA ILE B 40 22.19 3.96 -31.87
C ILE B 40 23.26 5.02 -31.59
N GLU B 41 23.63 5.79 -32.61
CA GLU B 41 24.67 6.81 -32.44
C GLU B 41 24.22 7.85 -31.42
N ARG B 42 23.08 8.48 -31.67
CA ARG B 42 22.59 9.53 -30.77
C ARG B 42 22.23 9.01 -29.36
N ILE B 43 21.51 7.90 -29.30
CA ILE B 43 20.97 7.36 -28.03
C ILE B 43 22.03 6.75 -27.11
N SER B 44 23.08 6.17 -27.70
CA SER B 44 24.23 5.70 -26.92
C SER B 44 24.90 6.86 -26.18
N GLY B 45 24.78 8.07 -26.70
CA GLY B 45 25.19 9.28 -25.98
C GLY B 45 24.26 9.75 -24.86
N LEU B 46 23.27 8.93 -24.47
CA LEU B 46 22.35 9.27 -23.39
C LEU B 46 22.56 8.37 -22.17
N ASP B 47 22.42 9.00 -21.00
CA ASP B 47 22.31 8.29 -19.75
C ASP B 47 20.83 8.12 -19.45
N ILE B 48 20.25 7.02 -19.94
CA ILE B 48 18.84 6.71 -19.66
C ILE B 48 18.72 5.30 -19.11
N ASP B 49 17.55 4.96 -18.58
CA ASP B 49 17.33 3.64 -17.98
C ASP B 49 16.80 2.58 -18.96
N GLY B 50 16.40 3.00 -20.15
CA GLY B 50 15.60 2.17 -21.03
C GLY B 50 15.13 2.93 -22.25
N LEU B 51 14.91 2.20 -23.35
CA LEU B 51 14.46 2.80 -24.58
C LEU B 51 13.02 2.32 -24.79
N VAL B 52 12.08 3.24 -24.87
CA VAL B 52 10.69 2.91 -25.21
C VAL B 52 10.59 2.74 -26.73
N ILE B 53 9.91 1.67 -27.17
CA ILE B 53 9.73 1.42 -28.60
C ILE B 53 8.24 1.27 -28.90
N TYR B 54 7.70 2.23 -29.64
CA TYR B 54 6.24 2.32 -29.85
C TYR B 54 5.74 1.32 -30.90
N ASP B 55 4.46 0.99 -30.77
CA ASP B 55 3.71 0.15 -31.66
C ASP B 55 2.50 0.99 -32.13
N LEU B 56 2.29 1.04 -33.44
CA LEU B 56 1.20 1.84 -34.01
C LEU B 56 0.07 0.88 -34.33
N GLN B 57 -1.17 1.32 -34.14
CA GLN B 57 -2.32 0.40 -34.29
C GLN B 57 -2.95 0.52 -35.66
N ILE B 72 0.16 4.35 -42.44
CA ILE B 72 1.52 4.05 -42.03
C ILE B 72 1.61 2.69 -41.34
N GLU B 73 2.67 1.95 -41.67
CA GLU B 73 2.93 0.62 -41.11
C GLU B 73 4.44 0.52 -40.83
N THR B 74 4.75 0.16 -39.60
CA THR B 74 6.04 0.39 -39.02
C THR B 74 6.59 -0.99 -38.58
N ILE B 75 7.90 -1.19 -38.64
CA ILE B 75 8.51 -2.46 -38.22
C ILE B 75 8.06 -2.82 -36.81
N ASP B 76 7.76 -4.09 -36.58
CA ASP B 76 7.37 -4.60 -35.27
C ASP B 76 8.40 -4.19 -34.22
N PRO B 77 7.97 -3.59 -33.09
CA PRO B 77 8.96 -3.07 -32.12
C PRO B 77 9.92 -4.12 -31.51
N GLN B 78 9.46 -5.34 -31.23
CA GLN B 78 10.36 -6.37 -30.66
C GLN B 78 11.37 -6.81 -31.74
N ILE B 79 10.87 -6.95 -32.96
CA ILE B 79 11.74 -7.32 -34.06
C ILE B 79 12.77 -6.23 -34.32
N TYR B 80 12.34 -4.97 -34.27
CA TYR B 80 13.28 -3.85 -34.43
C TYR B 80 14.33 -3.85 -33.34
N SER B 81 13.88 -3.98 -32.11
CA SER B 81 14.78 -3.97 -30.95
C SER B 81 15.86 -5.05 -31.05
N GLU B 82 15.41 -6.27 -31.27
CA GLU B 82 16.28 -7.47 -31.25
C GLU B 82 17.25 -7.56 -32.43
N ASN B 83 16.81 -7.18 -33.62
CA ASN B 83 17.61 -7.38 -34.85
C ASN B 83 18.30 -6.14 -35.36
N TYR B 84 18.00 -4.97 -34.79
CA TYR B 84 18.70 -3.74 -35.17
C TYR B 84 19.32 -2.96 -34.00
N LEU B 85 18.82 -3.16 -32.78
CA LEU B 85 19.29 -2.37 -31.62
C LEU B 85 20.00 -3.21 -30.54
N LYS B 86 20.72 -4.25 -30.97
CA LYS B 86 21.52 -5.06 -30.03
C LYS B 86 22.64 -4.23 -29.44
N ASP B 87 23.24 -3.38 -30.26
CA ASP B 87 24.36 -2.56 -29.81
C ASP B 87 24.09 -1.64 -28.61
N LEU B 88 22.83 -1.20 -28.44
CA LEU B 88 22.43 -0.39 -27.29
C LEU B 88 22.26 -1.27 -26.09
N LYS B 89 23.11 -1.09 -25.10
CA LYS B 89 23.10 -1.99 -23.97
C LYS B 89 22.11 -1.54 -22.89
N ILE B 90 20.86 -1.28 -23.25
CA ILE B 90 19.87 -0.90 -22.23
C ILE B 90 18.57 -1.66 -22.51
N PRO B 91 17.73 -1.88 -21.49
CA PRO B 91 16.48 -2.57 -21.73
C PRO B 91 15.51 -1.79 -22.62
N LYS B 92 14.66 -2.52 -23.33
CA LYS B 92 13.73 -1.97 -24.26
C LYS B 92 12.31 -2.22 -23.75
N ILE B 93 11.48 -1.17 -23.76
CA ILE B 93 10.10 -1.26 -23.33
C ILE B 93 9.26 -1.34 -24.61
N ILE B 94 8.67 -2.52 -24.81
CA ILE B 94 8.02 -2.87 -26.05
C ILE B 94 6.55 -2.58 -25.95
N TYR B 95 6.11 -1.61 -26.72
CA TYR B 95 4.70 -1.28 -26.80
C TYR B 95 3.94 -2.32 -27.62
N ARG B 96 2.68 -2.55 -27.26
CA ARG B 96 1.84 -3.50 -28.00
C ARG B 96 0.42 -2.98 -28.11
N CYS B 97 -0.03 -2.70 -29.33
CA CYS B 97 -1.43 -2.37 -29.52
C CYS B 97 -2.09 -3.74 -29.64
N VAL B 98 -2.60 -4.23 -28.51
CA VAL B 98 -2.98 -5.64 -28.42
C VAL B 98 -4.01 -6.02 -29.50
N GLY B 99 -4.86 -5.05 -29.87
CA GLY B 99 -5.83 -5.17 -30.97
C GLY B 99 -5.36 -5.64 -32.36
N LYS B 100 -4.05 -5.57 -32.65
CA LYS B 100 -3.51 -6.05 -33.94
C LYS B 100 -3.09 -7.52 -33.94
N TYR B 101 -3.16 -8.18 -32.80
CA TYR B 101 -2.61 -9.51 -32.65
C TYR B 101 -3.73 -10.42 -32.22
N THR B 102 -3.78 -11.62 -32.81
CA THR B 102 -4.77 -12.64 -32.39
C THR B 102 -4.41 -13.15 -31.01
N PRO B 103 -5.39 -13.74 -30.31
CA PRO B 103 -5.07 -14.26 -28.99
C PRO B 103 -3.89 -15.26 -28.96
N ASP B 104 -3.72 -16.01 -30.04
CA ASP B 104 -2.69 -17.04 -30.11
C ASP B 104 -1.32 -16.45 -30.42
N GLU B 105 -1.24 -15.53 -31.38
CA GLU B 105 0.04 -14.83 -31.64
C GLU B 105 0.54 -14.02 -30.41
N PHE B 106 -0.39 -13.48 -29.64
CA PHE B 106 -0.04 -12.73 -28.41
C PHE B 106 0.59 -13.63 -27.34
N ARG B 107 0.00 -14.80 -27.13
CA ARG B 107 0.61 -15.83 -26.28
C ARG B 107 2.06 -16.10 -26.68
N ARG B 108 2.31 -16.27 -27.97
CA ARG B 108 3.64 -16.58 -28.46
C ARG B 108 4.64 -15.48 -28.14
N LEU B 109 4.23 -14.22 -28.38
CA LEU B 109 5.08 -13.06 -28.13
C LEU B 109 5.28 -12.77 -26.65
N THR B 110 4.30 -13.11 -25.84
CA THR B 110 4.37 -12.91 -24.39
C THR B 110 5.28 -13.92 -23.66
N ARG B 111 5.49 -15.09 -24.25
CA ARG B 111 6.26 -16.17 -23.60
C ARG B 111 7.65 -15.66 -23.19
N PRO B 112 8.12 -16.06 -22.00
CA PRO B 112 9.42 -15.54 -21.53
C PRO B 112 10.64 -16.07 -22.28
N VAL B 113 11.74 -15.31 -22.18
CA VAL B 113 12.99 -15.66 -22.79
C VAL B 113 14.02 -15.88 -21.68
N SER B 114 14.64 -17.07 -21.72
CA SER B 114 15.52 -17.54 -20.65
C SER B 114 16.61 -16.54 -20.29
N GLY B 115 16.74 -16.25 -18.99
CA GLY B 115 17.77 -15.34 -18.48
C GLY B 115 17.65 -13.90 -18.95
N GLN B 116 16.42 -13.44 -19.12
CA GLN B 116 16.21 -12.12 -19.71
C GLN B 116 14.90 -11.54 -19.21
N ASP B 117 14.96 -10.30 -18.73
CA ASP B 117 13.80 -9.54 -18.34
C ASP B 117 13.10 -9.01 -19.59
N ALA B 118 11.77 -9.03 -19.55
CA ALA B 118 10.92 -8.45 -20.59
C ALA B 118 10.16 -7.23 -20.03
N PHE B 119 10.07 -6.16 -20.80
CA PHE B 119 9.27 -4.98 -20.41
C PHE B 119 8.28 -4.69 -21.55
N SER B 120 7.02 -4.46 -21.21
CA SER B 120 6.02 -4.15 -22.21
C SER B 120 4.90 -3.25 -21.66
N VAL B 121 4.40 -2.36 -22.52
CA VAL B 121 3.21 -1.57 -22.23
C VAL B 121 2.14 -2.07 -23.19
N PHE B 122 1.03 -2.56 -22.65
CA PHE B 122 -0.10 -2.98 -23.51
C PHE B 122 -1.07 -1.82 -23.68
N VAL B 123 -1.40 -1.56 -24.93
CA VAL B 123 -2.24 -0.44 -25.30
C VAL B 123 -3.53 -1.01 -25.93
N GLY B 124 -4.68 -0.57 -25.42
CA GLY B 124 -5.99 -0.94 -25.97
C GLY B 124 -6.37 -0.09 -27.16
N ALA B 125 -7.65 -0.14 -27.54
CA ALA B 125 -8.13 0.59 -28.74
C ALA B 125 -8.60 1.99 -28.40
N ALA B 126 -8.14 2.96 -29.18
CA ALA B 126 -8.72 4.29 -29.20
C ALA B 126 -10.04 4.21 -29.98
N VAL B 132 -10.99 -5.08 -33.45
CA VAL B 132 -9.78 -5.56 -32.79
C VAL B 132 -9.77 -7.08 -32.54
N LEU B 133 -8.62 -7.71 -32.79
CA LEU B 133 -8.49 -9.18 -32.69
C LEU B 133 -8.43 -9.69 -31.25
N LEU B 134 -8.04 -8.80 -30.33
CA LEU B 134 -7.86 -9.14 -28.92
C LEU B 134 -8.23 -7.94 -28.04
N LYS B 135 -9.09 -8.16 -27.05
CA LYS B 135 -9.43 -7.14 -26.06
C LYS B 135 -8.29 -6.96 -25.07
N LEU B 136 -8.14 -5.74 -24.56
CA LEU B 136 -7.09 -5.41 -23.60
C LEU B 136 -7.22 -6.23 -22.32
N SER B 137 -8.46 -6.41 -21.86
CA SER B 137 -8.72 -7.22 -20.65
C SER B 137 -8.24 -8.67 -20.83
N ASP B 138 -8.45 -9.22 -22.02
CA ASP B 138 -7.97 -10.56 -22.33
C ASP B 138 -6.43 -10.60 -22.52
N ALA B 139 -5.86 -9.53 -23.09
CA ALA B 139 -4.39 -9.40 -23.15
C ALA B 139 -3.75 -9.42 -21.77
N TYR B 140 -4.38 -8.80 -20.77
CA TYR B 140 -3.83 -8.82 -19.40
C TYR B 140 -3.88 -10.24 -18.80
N LYS B 141 -5.03 -10.90 -18.96
CA LYS B 141 -5.19 -12.30 -18.56
C LYS B 141 -4.15 -13.21 -19.26
N ILE B 142 -3.86 -12.93 -20.54
CA ILE B 142 -2.84 -13.72 -21.24
C ILE B 142 -1.49 -13.54 -20.56
N ARG B 143 -1.14 -12.32 -20.17
CA ARG B 143 0.12 -12.10 -19.46
C ARG B 143 0.12 -12.85 -18.13
N GLN B 144 -0.99 -12.78 -17.39
CA GLN B 144 -1.12 -13.49 -16.12
C GLN B 144 -0.83 -14.99 -16.28
N ASP B 145 -1.31 -15.57 -17.38
CA ASP B 145 -1.22 -17.00 -17.67
C ASP B 145 0.11 -17.44 -18.24
N VAL B 146 0.70 -16.62 -19.10
CA VAL B 146 1.86 -17.01 -19.88
C VAL B 146 3.17 -16.47 -19.33
N ASN B 147 3.15 -15.29 -18.70
CA ASN B 147 4.39 -14.66 -18.21
C ASN B 147 4.10 -13.61 -17.14
N PRO B 148 3.96 -14.04 -15.88
CA PRO B 148 3.78 -13.16 -14.74
C PRO B 148 4.99 -12.27 -14.42
N ASP B 149 6.18 -12.64 -14.89
CA ASP B 149 7.39 -11.83 -14.66
C ASP B 149 7.62 -10.71 -15.68
N LEU B 150 6.74 -10.62 -16.67
CA LEU B 150 6.75 -9.52 -17.65
C LEU B 150 6.46 -8.24 -16.89
N LEU B 151 7.39 -7.29 -16.95
CA LEU B 151 7.21 -6.02 -16.24
C LEU B 151 6.31 -5.11 -17.09
N LEU B 152 5.03 -5.05 -16.71
CA LEU B 152 3.94 -4.55 -17.54
C LEU B 152 3.54 -3.16 -17.10
N GLY B 153 3.35 -2.28 -18.07
CA GLY B 153 2.92 -0.92 -17.81
C GLY B 153 1.74 -0.59 -18.66
N GLY B 154 1.13 0.55 -18.31
CA GLY B 154 -0.10 0.99 -18.93
C GLY B 154 0.02 2.41 -19.44
N VAL B 155 -0.86 2.75 -20.36
CA VAL B 155 -0.98 4.13 -20.85
C VAL B 155 -1.91 4.87 -19.91
N ALA B 156 -1.53 6.07 -19.48
CA ALA B 156 -2.40 6.99 -18.72
C ALA B 156 -2.53 8.27 -19.54
N ILE B 157 -3.74 8.83 -19.56
CA ILE B 157 -4.01 10.00 -20.38
C ILE B 157 -4.62 11.07 -19.51
N PRO B 158 -3.77 11.93 -18.93
CA PRO B 158 -4.22 13.00 -18.04
C PRO B 158 -5.30 13.92 -18.64
N GLU B 159 -5.13 14.31 -19.91
CA GLU B 159 -6.12 15.14 -20.61
C GLU B 159 -7.55 14.60 -20.43
N ARG B 160 -7.68 13.28 -20.42
CA ARG B 160 -8.97 12.59 -20.33
C ARG B 160 -9.55 12.64 -18.91
N HIS B 161 -8.70 12.90 -17.92
CA HIS B 161 -9.14 13.09 -16.54
C HIS B 161 -10.15 14.24 -16.42
N MET B 162 -10.04 15.24 -17.28
CA MET B 162 -10.91 16.42 -17.20
C MET B 162 -12.35 16.12 -17.68
N LYS B 163 -12.55 15.00 -18.38
CA LYS B 163 -13.89 14.59 -18.83
C LYS B 163 -14.79 14.15 -17.67
N ASN B 164 -14.34 13.16 -16.89
CA ASN B 164 -15.12 12.63 -15.74
C ASN B 164 -14.35 12.49 -14.43
N THR B 165 -13.10 12.94 -14.40
CA THR B 165 -12.29 12.86 -13.17
C THR B 165 -12.08 11.39 -12.73
N ASP B 166 -11.89 10.48 -13.68
CA ASP B 166 -11.75 9.05 -13.35
C ASP B 166 -10.54 8.34 -13.98
N GLU B 167 -9.54 9.10 -14.41
CA GLU B 167 -8.37 8.49 -15.01
C GLU B 167 -7.54 7.80 -13.94
N HIS B 168 -7.43 8.41 -12.77
CA HIS B 168 -6.80 7.75 -11.61
C HIS B 168 -7.42 6.36 -11.33
N LEU B 169 -8.73 6.22 -11.52
CA LEU B 169 -9.44 4.95 -11.26
C LEU B 169 -9.16 3.94 -12.38
N ARG B 170 -9.00 4.45 -13.59
CA ARG B 170 -8.59 3.65 -14.73
C ARG B 170 -7.23 3.01 -14.46
N ILE B 171 -6.32 3.78 -13.88
CA ILE B 171 -4.97 3.25 -13.68
C ILE B 171 -4.90 2.30 -12.48
N ILE B 172 -5.59 2.63 -11.40
CA ILE B 172 -5.72 1.74 -10.25
C ILE B 172 -6.22 0.37 -10.70
N ASP B 173 -7.19 0.40 -11.60
CA ASP B 173 -7.75 -0.83 -12.14
C ASP B 173 -6.76 -1.58 -13.03
N LYS B 174 -5.93 -0.86 -13.77
CA LYS B 174 -4.86 -1.48 -14.53
C LYS B 174 -3.81 -2.07 -13.62
N ILE B 175 -3.50 -1.38 -12.51
CA ILE B 175 -2.58 -1.96 -11.52
C ILE B 175 -3.14 -3.32 -11.04
N ASN B 176 -4.46 -3.38 -10.87
CA ASN B 176 -5.09 -4.59 -10.38
C ASN B 176 -4.86 -5.71 -11.39
N LYS B 177 -4.89 -5.35 -12.67
CA LYS B 177 -4.71 -6.32 -13.75
C LYS B 177 -3.24 -6.62 -14.11
N GLY B 178 -2.29 -6.05 -13.36
CA GLY B 178 -0.88 -6.46 -13.46
C GLY B 178 0.14 -5.36 -13.78
N CYS B 179 -0.34 -4.14 -14.06
CA CYS B 179 0.56 -3.05 -14.38
C CYS B 179 1.37 -2.59 -13.18
N LYS B 180 2.62 -2.29 -13.42
CA LYS B 180 3.52 -1.89 -12.35
C LYS B 180 4.16 -0.51 -12.62
N TYR B 181 3.73 0.15 -13.70
CA TYR B 181 4.09 1.52 -14.01
C TYR B 181 3.17 2.05 -15.10
N PHE B 182 3.23 3.36 -15.32
CA PHE B 182 2.42 4.02 -16.31
C PHE B 182 3.24 5.01 -17.05
N ILE B 183 3.07 5.02 -18.36
CA ILE B 183 3.76 5.93 -19.20
C ILE B 183 2.65 6.72 -19.87
N THR B 184 2.57 8.01 -19.57
CA THR B 184 1.54 8.86 -20.15
C THR B 184 1.87 9.17 -21.61
N GLN B 185 0.85 9.56 -22.36
CA GLN B 185 1.10 10.25 -23.62
C GLN B 185 1.70 11.62 -23.33
N ALA B 186 2.28 12.23 -24.35
CA ALA B 186 2.94 13.53 -24.24
C ALA B 186 2.11 14.51 -23.38
N VAL B 187 2.75 15.13 -22.40
CA VAL B 187 2.05 16.08 -21.51
C VAL B 187 2.26 17.54 -22.00
N TYR B 188 1.14 18.25 -22.21
CA TYR B 188 1.18 19.66 -22.58
C TYR B 188 0.32 20.55 -21.70
N ASN B 189 -0.33 19.97 -20.70
CA ASN B 189 -1.22 20.67 -19.79
C ASN B 189 -0.89 20.24 -18.37
N VAL B 190 -0.22 21.12 -17.64
CA VAL B 190 0.25 20.82 -16.31
C VAL B 190 -0.92 20.63 -15.32
N GLU B 191 -2.01 21.36 -15.51
CA GLU B 191 -3.13 21.30 -14.56
C GLU B 191 -3.84 19.95 -14.61
N ALA B 192 -4.09 19.44 -15.80
CA ALA B 192 -4.70 18.10 -15.94
C ALA B 192 -3.80 17.00 -15.30
N ALA B 193 -2.50 17.15 -15.48
CA ALA B 193 -1.53 16.21 -14.99
C ALA B 193 -1.49 16.29 -13.48
N LYS B 194 -1.43 17.51 -12.94
CA LYS B 194 -1.47 17.68 -11.50
C LYS B 194 -2.80 17.24 -10.92
N ASP B 195 -3.91 17.50 -11.61
CA ASP B 195 -5.20 16.97 -11.17
C ASP B 195 -5.22 15.42 -11.13
N PHE B 196 -4.66 14.80 -12.16
CA PHE B 196 -4.57 13.35 -12.20
C PHE B 196 -3.67 12.84 -11.06
N LEU B 197 -2.50 13.45 -10.87
CA LEU B 197 -1.63 13.05 -9.81
C LEU B 197 -2.30 13.22 -8.44
N SER B 198 -2.97 14.36 -8.23
CA SER B 198 -3.62 14.65 -6.98
C SER B 198 -4.63 13.57 -6.63
N ASP B 199 -5.54 13.29 -7.55
CA ASP B 199 -6.54 12.27 -7.29
C ASP B 199 -5.94 10.88 -7.13
N TYR B 200 -4.87 10.61 -7.86
CA TYR B 200 -4.17 9.34 -7.75
C TYR B 200 -3.62 9.18 -6.30
N TYR B 201 -2.78 10.14 -5.89
CA TYR B 201 -2.26 10.24 -4.52
C TYR B 201 -3.31 10.05 -3.43
N TYR B 202 -4.36 10.87 -3.49
CA TYR B 202 -5.34 10.92 -2.42
C TYR B 202 -6.18 9.66 -2.38
N TYR B 203 -6.57 9.15 -3.55
CA TYR B 203 -7.33 7.90 -3.62
C TYR B 203 -6.47 6.72 -3.13
N SER B 204 -5.19 6.73 -3.51
CA SER B 204 -4.21 5.75 -3.00
C SER B 204 -4.10 5.83 -1.48
N LYS B 205 -3.93 7.06 -0.97
CA LYS B 205 -3.77 7.26 0.49
C LYS B 205 -4.97 6.73 1.25
N ASN B 206 -6.17 6.98 0.73
CA ASN B 206 -7.41 6.66 1.43
C ASN B 206 -7.85 5.20 1.35
N ASN B 207 -7.40 4.48 0.32
CA ASN B 207 -7.73 3.06 0.14
C ASN B 207 -6.52 2.17 0.37
N ASN B 208 -5.55 2.70 1.09
CA ASN B 208 -4.45 1.90 1.60
C ASN B 208 -3.54 1.26 0.54
N LEU B 209 -3.41 1.91 -0.60
CA LEU B 209 -2.70 1.35 -1.74
C LEU B 209 -1.30 1.91 -1.80
N LYS B 210 -0.34 1.11 -2.24
CA LYS B 210 0.98 1.64 -2.59
C LYS B 210 0.86 2.34 -3.95
N MET B 211 1.85 3.15 -4.29
CA MET B 211 1.83 3.87 -5.58
C MET B 211 2.88 3.30 -6.50
N VAL B 212 2.60 3.35 -7.79
CA VAL B 212 3.56 2.94 -8.80
C VAL B 212 4.05 4.12 -9.66
N PRO B 213 5.23 3.97 -10.28
CA PRO B 213 5.85 5.11 -10.97
C PRO B 213 5.01 5.62 -12.15
N ILE B 214 4.79 6.93 -12.17
CA ILE B 214 4.08 7.61 -13.23
C ILE B 214 5.15 8.33 -14.02
N ILE B 215 5.41 7.81 -15.23
CA ILE B 215 6.42 8.29 -16.14
C ILE B 215 5.74 9.20 -17.15
N PHE B 216 6.06 10.49 -17.07
CA PHE B 216 5.43 11.49 -17.95
C PHE B 216 6.19 11.63 -19.22
N THR B 217 5.48 11.58 -20.35
CA THR B 217 6.14 11.72 -21.67
C THR B 217 6.26 13.17 -22.09
N LEU B 218 7.46 13.59 -22.51
CA LEU B 218 7.67 14.90 -23.12
C LEU B 218 8.00 14.65 -24.59
N THR B 219 7.41 15.45 -25.47
CA THR B 219 7.44 15.22 -26.90
C THR B 219 7.52 16.57 -27.58
N PRO B 220 8.74 16.98 -27.95
CA PRO B 220 8.96 18.20 -28.72
C PRO B 220 8.15 18.20 -30.02
N CYS B 221 7.62 19.37 -30.37
CA CYS B 221 6.89 19.56 -31.60
C CYS B 221 7.48 20.72 -32.39
N GLY B 222 8.06 20.44 -33.57
CA GLY B 222 8.78 21.46 -34.37
C GLY B 222 8.26 21.81 -35.76
N SER B 223 7.14 21.24 -36.18
CA SER B 223 6.64 21.42 -37.55
C SER B 223 5.17 21.00 -37.64
N THR B 224 4.48 21.39 -38.73
CA THR B 224 3.09 20.95 -38.91
C THR B 224 3.05 19.45 -39.18
N LYS B 225 4.13 18.93 -39.74
CA LYS B 225 4.27 17.51 -40.06
C LYS B 225 4.31 16.68 -38.76
N THR B 226 5.21 17.06 -37.84
CA THR B 226 5.22 16.47 -36.49
C THR B 226 3.85 16.53 -35.82
N LEU B 227 3.22 17.70 -35.88
CA LEU B 227 1.91 17.91 -35.23
C LEU B 227 0.79 17.03 -35.77
N GLU B 228 0.71 16.88 -37.09
CA GLU B 228 -0.33 16.01 -37.68
C GLU B 228 -0.13 14.56 -37.22
N PHE B 229 1.12 14.13 -37.16
CA PHE B 229 1.41 12.81 -36.59
C PHE B 229 1.01 12.72 -35.12
N MET B 230 1.39 13.73 -34.34
CA MET B 230 1.01 13.78 -32.91
C MET B 230 -0.51 13.75 -32.76
N LYS B 231 -1.22 14.50 -33.59
CA LYS B 231 -2.70 14.54 -33.57
C LYS B 231 -3.33 13.20 -33.87
N TRP B 232 -2.76 12.51 -34.84
CA TRP B 232 -3.18 11.17 -35.18
C TRP B 232 -3.00 10.20 -33.99
N LEU B 233 -1.93 10.38 -33.24
CA LEU B 233 -1.72 9.62 -31.99
C LEU B 233 -2.69 10.00 -30.85
N GLY B 234 -3.36 11.13 -31.00
CA GLY B 234 -4.37 11.58 -30.02
C GLY B 234 -3.85 12.67 -29.11
N ILE B 235 -2.66 13.19 -29.43
CA ILE B 235 -2.00 14.25 -28.68
C ILE B 235 -2.43 15.63 -29.26
N SER B 236 -2.57 16.62 -28.39
CA SER B 236 -2.85 18.03 -28.75
C SER B 236 -1.80 18.91 -28.08
N ILE B 237 -1.49 20.05 -28.68
CA ILE B 237 -0.67 21.03 -28.02
C ILE B 237 -1.59 22.21 -27.72
N PRO B 238 -1.13 23.16 -26.90
CA PRO B 238 -2.00 24.28 -26.61
C PRO B 238 -2.32 25.12 -27.84
N ARG B 239 -3.56 25.58 -27.94
CA ARG B 239 -3.99 26.42 -29.04
C ARG B 239 -3.04 27.60 -29.33
N TRP B 240 -2.51 28.27 -28.30
CA TRP B 240 -1.64 29.41 -28.51
C TRP B 240 -0.36 29.01 -29.19
N LEU B 241 0.09 27.80 -28.89
CA LEU B 241 1.28 27.24 -29.50
C LEU B 241 1.01 26.92 -30.94
N GLU B 242 -0.12 26.27 -31.20
CA GLU B 242 -0.48 25.88 -32.54
C GLU B 242 -0.75 27.13 -33.37
N ASN B 243 -1.24 28.20 -32.73
CA ASN B 243 -1.51 29.48 -33.39
C ASN B 243 -0.22 30.07 -33.93
N ASP B 244 0.85 30.06 -33.14
CA ASP B 244 2.13 30.60 -33.61
C ASP B 244 2.70 29.79 -34.79
N LEU B 245 2.50 28.47 -34.76
CA LEU B 245 2.96 27.58 -35.82
C LEU B 245 2.27 27.86 -37.13
N MET B 246 0.93 27.91 -37.10
CA MET B 246 0.10 28.22 -38.25
C MET B 246 0.34 29.62 -38.78
N ASN B 247 0.94 30.48 -37.96
CA ASN B 247 1.34 31.82 -38.36
C ASN B 247 2.85 31.84 -38.65
N CYS B 248 3.37 30.69 -39.08
CA CYS B 248 4.76 30.52 -39.52
C CYS B 248 5.85 31.01 -38.56
N GLU B 249 5.72 30.66 -37.29
CA GLU B 249 6.84 30.82 -36.34
C GLU B 249 7.45 29.46 -35.98
N ASP B 250 8.75 29.44 -35.67
CA ASP B 250 9.41 28.22 -35.16
C ASP B 250 9.08 27.99 -33.69
N ILE B 251 8.31 26.95 -33.41
CA ILE B 251 7.85 26.63 -32.04
C ILE B 251 8.66 25.53 -31.39
N LEU B 252 9.66 25.02 -32.10
CA LEU B 252 10.43 23.91 -31.58
C LEU B 252 10.92 24.22 -30.17
N ASN B 253 11.59 25.36 -30.00
CA ASN B 253 12.15 25.67 -28.68
C ASN B 253 11.07 25.90 -27.63
N LYS B 254 10.04 26.61 -28.04
CA LYS B 254 8.90 26.91 -27.18
C LYS B 254 8.31 25.61 -26.64
N SER B 255 8.14 24.62 -27.52
CA SER B 255 7.57 23.33 -27.14
C SER B 255 8.48 22.59 -26.15
N VAL B 256 9.79 22.70 -26.34
CA VAL B 256 10.75 22.13 -25.41
C VAL B 256 10.69 22.85 -24.08
N SER B 257 10.89 24.18 -24.12
CA SER B 257 10.76 25.04 -22.93
C SER B 257 9.47 24.77 -22.14
N LEU B 258 8.34 24.65 -22.85
CA LEU B 258 7.07 24.38 -22.17
C LEU B 258 7.12 22.98 -21.49
N SER B 259 7.58 22.00 -22.25
CA SER B 259 7.71 20.62 -21.76
C SER B 259 8.59 20.57 -20.49
N LYS B 260 9.70 21.28 -20.51
CA LYS B 260 10.56 21.33 -19.33
C LYS B 260 9.83 21.95 -18.15
N SER B 261 9.16 23.08 -18.39
CA SER B 261 8.45 23.80 -17.34
C SER B 261 7.40 22.91 -16.67
N ILE B 262 6.66 22.19 -17.49
CA ILE B 262 5.60 21.30 -17.00
C ILE B 262 6.21 20.22 -16.11
N PHE B 263 7.29 19.64 -16.59
CA PHE B 263 7.90 18.56 -15.84
C PHE B 263 8.53 19.02 -14.53
N ASN B 264 9.24 20.13 -14.54
CA ASN B 264 9.69 20.73 -13.27
C ASN B 264 8.51 20.91 -12.31
N GLU B 265 7.37 21.41 -12.79
CA GLU B 265 6.25 21.61 -11.86
C GLU B 265 5.78 20.26 -11.33
N LEU B 266 5.67 19.24 -12.20
CA LEU B 266 5.22 17.92 -11.80
C LEU B 266 6.21 17.27 -10.84
N MET B 267 7.51 17.48 -11.05
CA MET B 267 8.52 16.90 -10.17
C MET B 267 8.33 17.49 -8.79
N GLU B 268 8.23 18.83 -8.71
CA GLU B 268 8.01 19.51 -7.41
C GLU B 268 6.77 18.98 -6.73
N PHE B 269 5.65 18.91 -7.44
CA PHE B 269 4.44 18.41 -6.84
C PHE B 269 4.72 17.01 -6.29
N CYS B 270 5.44 16.19 -7.06
CA CYS B 270 5.60 14.78 -6.74
C CYS B 270 6.51 14.55 -5.55
N LEU B 271 7.61 15.29 -5.53
CA LEU B 271 8.55 15.25 -4.43
C LEU B 271 7.87 15.63 -3.12
N GLU B 272 6.99 16.64 -3.14
CA GLU B 272 6.33 17.05 -1.91
C GLU B 272 5.48 15.90 -1.36
N LYS B 273 4.74 15.23 -2.22
CA LYS B 273 3.81 14.17 -1.78
C LYS B 273 4.43 12.76 -1.76
N GLY B 274 5.68 12.62 -2.20
CA GLY B 274 6.30 11.30 -2.26
C GLY B 274 5.77 10.42 -3.37
N ILE B 275 5.32 11.02 -4.48
CA ILE B 275 4.79 10.27 -5.62
C ILE B 275 5.93 9.88 -6.54
N PRO B 276 6.01 8.59 -6.90
CA PRO B 276 7.17 8.24 -7.73
C PRO B 276 7.00 8.76 -9.15
N ILE B 277 7.99 9.51 -9.64
CA ILE B 277 7.82 10.20 -10.91
C ILE B 277 8.96 9.85 -11.82
N GLY B 278 8.65 9.68 -13.10
CA GLY B 278 9.69 9.50 -14.10
C GLY B 278 9.46 10.31 -15.33
N CYS B 279 10.39 10.22 -16.26
CA CYS B 279 10.23 10.92 -17.51
C CYS B 279 10.61 10.07 -18.71
N ASN B 280 9.78 10.16 -19.75
CA ASN B 280 10.06 9.51 -21.03
C ASN B 280 10.16 10.63 -22.05
N ILE B 281 11.30 10.77 -22.70
CA ILE B 281 11.43 11.78 -23.73
C ILE B 281 11.20 11.13 -25.06
N GLU B 282 10.12 11.51 -25.72
CA GLU B 282 9.73 10.91 -26.99
C GLU B 282 10.21 11.72 -28.18
N SER B 283 10.90 11.08 -29.11
CA SER B 283 11.19 11.65 -30.44
C SER B 283 10.20 11.10 -31.47
N VAL B 284 9.48 11.96 -32.15
CA VAL B 284 8.38 11.50 -33.02
C VAL B 284 8.51 12.05 -34.45
N SER B 285 9.64 12.69 -34.75
CA SER B 285 9.81 13.48 -35.97
C SER B 285 10.92 12.92 -36.85
N VAL B 286 10.73 13.01 -38.17
CA VAL B 286 11.79 12.63 -39.13
C VAL B 286 12.85 13.73 -39.33
N ARG B 287 12.52 14.96 -38.90
CA ARG B 287 13.39 16.09 -39.13
C ARG B 287 14.55 16.06 -38.15
N LYS B 288 15.77 16.16 -38.66
CA LYS B 288 16.97 16.09 -37.82
C LYS B 288 16.99 17.11 -36.67
N VAL B 289 16.43 18.28 -36.92
CA VAL B 289 16.50 19.39 -35.97
C VAL B 289 15.63 19.04 -34.74
N GLU B 290 14.48 18.41 -35.00
CA GLU B 290 13.55 18.01 -33.95
C GLU B 290 14.11 16.80 -33.18
N ILE B 291 14.80 15.90 -33.88
CA ILE B 291 15.43 14.74 -33.24
C ILE B 291 16.57 15.21 -32.31
N GLU B 292 17.36 16.17 -32.76
CA GLU B 292 18.44 16.68 -31.92
C GLU B 292 17.88 17.44 -30.70
N ALA B 293 16.84 18.24 -30.90
CA ALA B 293 16.12 18.84 -29.79
C ALA B 293 15.68 17.77 -28.74
N SER B 294 15.20 16.60 -29.19
CA SER B 294 14.77 15.52 -28.26
C SER B 294 15.92 14.92 -27.46
N ILE B 295 17.01 14.60 -28.13
CA ILE B 295 18.24 14.17 -27.46
C ILE B 295 18.66 15.18 -26.41
N ALA B 296 18.75 16.45 -26.80
CA ALA B 296 19.14 17.52 -25.90
C ALA B 296 18.23 17.55 -24.67
N LEU B 297 16.92 17.48 -24.91
CA LEU B 297 15.97 17.48 -23.81
C LEU B 297 16.19 16.27 -22.86
N ALA B 298 16.47 15.09 -23.42
CA ALA B 298 16.75 13.90 -22.61
C ALA B 298 17.90 14.17 -21.64
N LYS B 299 19.00 14.68 -22.18
CA LYS B 299 20.15 15.08 -21.35
C LYS B 299 19.79 16.17 -20.33
N ASP B 300 19.00 17.16 -20.74
CA ASP B 300 18.50 18.20 -19.81
C ASP B 300 17.70 17.62 -18.65
N ILE B 301 16.78 16.71 -18.95
CA ILE B 301 15.93 16.13 -17.91
C ILE B 301 16.73 15.29 -16.92
N LYS B 302 17.72 14.56 -17.42
CA LYS B 302 18.62 13.79 -16.57
C LYS B 302 19.33 14.72 -15.60
N TYR B 303 19.86 15.82 -16.12
CA TYR B 303 20.55 16.84 -15.30
C TYR B 303 19.59 17.34 -14.21
N ILE B 304 18.37 17.70 -14.62
CA ILE B 304 17.32 18.18 -13.70
C ILE B 304 16.96 17.17 -12.62
N MET B 305 16.95 15.89 -12.94
CA MET B 305 16.55 14.90 -11.94
C MET B 305 17.73 14.08 -11.45
N1 C2F C . -11.65 -8.64 27.46
C2 C2F C . -10.48 -9.23 27.82
NA2 C2F C . -10.02 -9.02 29.06
N3 C2F C . -9.77 -9.99 26.95
C4 C2F C . -10.21 -10.23 25.71
O4 C2F C . -9.58 -10.95 24.92
C4A C2F C . -11.47 -9.63 25.28
N5 C2F C . -12.03 -9.73 24.02
C6 C2F C . -13.48 -9.66 23.86
C7 C2F C . -13.80 -8.30 24.47
N8 C2F C . -13.32 -8.21 25.84
C8A C2F C . -12.17 -8.79 26.23
C9 C2F C . -14.27 -10.79 24.56
N10 C2F C . -14.26 -11.97 23.73
C11 C2F C . -11.17 -9.64 22.85
C12 C2F C . -15.18 -12.00 19.71
C13 C2F C . -15.74 -11.03 20.53
C14 C2F C . -15.49 -11.00 21.89
C15 C2F C . -14.65 -11.98 22.44
C16 C2F C . -14.08 -12.94 21.61
C17 C2F C . -14.34 -12.96 20.25
C C2F C . -15.44 -12.00 18.24
O C2F C . -15.63 -13.08 17.66
N C2F C . -15.40 -10.79 17.67
CA C2F C . -15.67 -10.43 16.27
CB C2F C . -17.18 -10.26 16.05
CG C2F C . -17.83 -11.05 14.93
CD C2F C . -19.06 -10.28 14.45
OE1 C2F C . -20.15 -10.37 15.07
OE2 C2F C . -18.92 -9.55 13.43
CT C2F C . -15.03 -9.08 16.00
O1 C2F C . -15.13 -8.19 16.84
O2 C2F C . -14.44 -8.86 14.93
N1 C2F D . -10.97 -12.09 37.09
C2 C2F D . -11.66 -12.51 38.17
NA2 C2F D . -11.55 -13.81 38.57
N3 C2F D . -12.46 -11.70 38.90
C4 C2F D . -12.65 -10.40 38.60
O4 C2F D . -13.39 -9.68 39.30
C4A C2F D . -11.92 -9.86 37.43
N5 C2F D . -11.99 -8.56 36.95
C6 C2F D . -10.79 -7.97 36.38
C7 C2F D . -10.43 -8.92 35.25
N8 C2F D . -10.40 -10.34 35.62
C8A C2F D . -11.08 -10.80 36.67
C9 C2F D . -9.65 -7.89 37.41
N10 C2F D . -10.11 -7.29 38.66
C11 C2F D . -13.26 -7.83 36.89
C12 C2F D . -7.66 -6.70 42.00
C13 C2F D . -7.11 -7.11 40.77
C14 C2F D . -7.91 -7.29 39.64
C15 C2F D . -9.29 -7.10 39.72
C16 C2F D . -9.85 -6.72 40.94
C17 C2F D . -9.05 -6.52 42.07
C C2F D . -6.81 -6.51 43.23
O C2F D . -7.36 -6.50 44.32
N C2F D . -5.47 -6.49 43.13
CA C2F D . -4.60 -6.67 44.29
CB C2F D . -4.78 -8.12 44.84
CG C2F D . -3.55 -9.02 45.10
CD C2F D . -3.97 -10.46 45.43
OE1 C2F D . -3.10 -11.38 45.40
OE2 C2F D . -5.15 -10.74 45.72
CT C2F D . -3.20 -6.29 43.89
O1 C2F D . -3.02 -5.89 42.72
O2 C2F D . -2.25 -6.35 44.72
N1 C2F E . 3.14 5.72 -30.50
C2 C2F E . 3.70 6.90 -30.24
NA2 C2F E . 4.81 7.25 -30.95
N3 C2F E . 3.22 7.75 -29.33
C4 C2F E . 2.14 7.51 -28.59
O4 C2F E . 1.72 8.37 -27.77
C4A C2F E . 1.44 6.24 -28.82
N5 C2F E . 0.34 5.75 -28.15
C6 C2F E . -0.61 4.86 -28.81
C7 C2F E . 0.29 3.73 -29.30
N8 C2F E . 1.46 4.16 -30.04
C8A C2F E . 2.04 5.34 -29.82
C9 C2F E . -1.42 5.48 -29.97
N10 C2F E . -2.47 6.35 -29.47
C11 C2F E . 0.28 5.95 -26.71
C12 C2F E . -5.26 5.09 -26.62
C13 C2F E . -4.65 4.15 -27.46
C14 C2F E . -3.74 4.56 -28.43
C15 C2F E . -3.43 5.90 -28.60
C16 C2F E . -4.02 6.84 -27.75
C17 C2F E . -4.94 6.43 -26.78
C C2F E . -6.21 4.66 -25.53
O C2F E . -7.14 5.38 -25.23
N C2F E . -5.90 3.54 -24.86
CA C2F E . -6.63 2.90 -23.76
CB C2F E . -7.62 1.89 -24.34
CG C2F E . -9.09 1.97 -23.94
CD C2F E . -9.89 0.89 -24.67
OE1 C2F E . -9.31 -0.14 -25.14
OE2 C2F E . -11.13 1.04 -24.79
CT C2F E . -5.66 2.09 -22.92
O1 C2F E . -4.69 1.54 -23.48
O2 C2F E . -5.83 1.93 -21.70
N1 C2F F . 6.80 10.53 -38.84
C2 C2F F . 6.59 10.59 -40.19
NA2 C2F F . 6.16 11.74 -40.73
N3 C2F F . 6.79 9.53 -41.00
C4 C2F F . 7.22 8.34 -40.54
O4 C2F F . 7.40 7.39 -41.33
C4A C2F F . 7.48 8.20 -39.09
N5 C2F F . 7.93 7.04 -38.45
C6 C2F F . 8.75 7.17 -37.25
C7 C2F F . 7.92 8.06 -36.31
N8 C2F F . 7.45 9.30 -36.92
C8A C2F F . 7.23 9.39 -38.25
C9 C2F F . 10.12 7.81 -37.51
N10 C2F F . 10.83 7.31 -38.69
C11 C2F F . 7.54 5.73 -38.95
C12 C2F F . 14.57 8.75 -39.98
C13 C2F F . 14.01 9.20 -38.77
C14 C2F F . 12.77 8.72 -38.33
C15 C2F F . 12.05 7.78 -39.07
C16 C2F F . 12.60 7.35 -40.28
C17 C2F F . 13.84 7.83 -40.74
C C2F F . 15.91 9.27 -40.49
O C2F F . 16.27 8.96 -41.62
N C2F F . 16.65 10.13 -39.76
CA C2F F . 17.77 10.90 -40.30
CB C2F F . 17.20 12.06 -41.18
CG C2F F . 17.53 13.52 -40.80
CD C2F F . 16.83 14.59 -41.66
OE1 C2F F . 17.24 15.76 -41.62
OE2 C2F F . 15.84 14.30 -42.38
CT C2F F . 18.69 11.29 -39.18
O1 C2F F . 18.55 10.70 -38.08
O2 C2F F . 19.58 12.15 -39.35
#